data_7XL1
#
_entry.id   7XL1
#
_cell.length_a   68.580
_cell.length_b   68.580
_cell.length_c   103.660
_cell.angle_alpha   90.000
_cell.angle_beta   90.000
_cell.angle_gamma   90.000
#
_symmetry.space_group_name_H-M   'P 42 21 2'
#
loop_
_entity.id
_entity.type
_entity.pdbx_description
1 polymer 'Chimeric 7D12-Vob nanobody'
2 non-polymer 'MALONATE ION'
3 water water
#
_entity_poly.entity_id   1
_entity_poly.type   'polypeptide(L)'
_entity_poly.pdbx_seq_one_letter_code
;EVQLVESGGGLVQPGGSLRLSCAASGRTSRSYGMGWYRQAPGKGRELVAGISWRGDSTGYADSVKGRFTISRDNAKNTLY
LQMNSLRPEDTAVYYCAFAAGSAWYGTLYEYDYWGQGTLVTVSSAAAHHHHHH
;
_entity_poly.pdbx_strand_id   A,B
#
# COMPACT_ATOMS: atom_id res chain seq x y z
N GLU A 1 -3.01 -16.58 5.28
CA GLU A 1 -2.78 -16.92 3.84
C GLU A 1 -1.99 -15.78 3.18
N VAL A 2 -2.64 -14.77 2.57
CA VAL A 2 -1.92 -13.86 1.64
C VAL A 2 -2.30 -12.39 1.84
N GLN A 3 -1.29 -11.52 1.77
CA GLN A 3 -1.44 -10.04 1.74
C GLN A 3 -0.92 -9.54 0.39
N LEU A 4 -1.71 -8.71 -0.28
CA LEU A 4 -1.37 -8.09 -1.58
C LEU A 4 -1.10 -6.61 -1.36
N VAL A 5 0.10 -6.15 -1.71
CA VAL A 5 0.50 -4.73 -1.58
C VAL A 5 0.73 -4.16 -2.98
N GLU A 6 -0.07 -3.17 -3.34
CA GLU A 6 0.02 -2.52 -4.65
C GLU A 6 0.86 -1.25 -4.56
N SER A 7 1.58 -0.98 -5.64
CA SER A 7 2.31 0.30 -5.83
C SER A 7 2.35 0.63 -7.32
N GLY A 8 2.83 1.81 -7.66
CA GLY A 8 3.08 2.22 -9.05
C GLY A 8 2.01 3.17 -9.58
N GLY A 9 1.01 3.49 -8.77
CA GLY A 9 -0.03 4.47 -9.14
C GLY A 9 0.59 5.86 -9.27
N GLY A 10 -0.15 6.81 -9.83
CA GLY A 10 0.32 8.19 -9.91
C GLY A 10 -0.54 9.06 -10.77
N LEU A 11 -0.06 10.27 -10.96
CA LEU A 11 -0.69 11.32 -11.78
C LEU A 11 0.14 11.40 -13.07
N VAL A 12 -0.51 11.26 -14.22
CA VAL A 12 0.16 11.32 -15.55
C VAL A 12 -0.71 12.13 -16.51
N GLN A 13 -0.06 12.77 -17.49
CA GLN A 13 -0.75 13.44 -18.61
C GLN A 13 -1.36 12.37 -19.52
N PRO A 14 -2.42 12.72 -20.29
CA PRO A 14 -2.91 11.86 -21.35
C PRO A 14 -1.76 11.41 -22.26
N GLY A 15 -1.75 10.12 -22.60
CA GLY A 15 -0.69 9.50 -23.42
C GLY A 15 0.40 8.90 -22.57
N GLY A 16 0.42 9.21 -21.27
CA GLY A 16 1.45 8.77 -20.31
C GLY A 16 1.37 7.27 -20.03
N SER A 17 2.35 6.76 -19.28
CA SER A 17 2.44 5.32 -18.91
CA SER A 17 2.42 5.32 -18.90
C SER A 17 2.65 5.19 -17.40
N LEU A 18 2.16 4.10 -16.82
CA LEU A 18 2.45 3.67 -15.43
C LEU A 18 2.62 2.16 -15.45
N ARG A 19 3.39 1.63 -14.50
CA ARG A 19 3.49 0.18 -14.25
CA ARG A 19 3.49 0.18 -14.25
C ARG A 19 3.02 -0.08 -12.82
N LEU A 20 1.89 -0.77 -12.68
CA LEU A 20 1.40 -1.19 -11.36
C LEU A 20 2.07 -2.51 -10.98
N SER A 21 2.35 -2.63 -9.67
CA SER A 21 2.92 -3.83 -9.02
C SER A 21 1.93 -4.30 -7.96
N CYS A 22 1.79 -5.61 -7.83
CA CYS A 22 1.00 -6.28 -6.79
C CYS A 22 1.87 -7.38 -6.21
N ALA A 23 2.54 -7.07 -5.09
CA ALA A 23 3.48 -7.99 -4.41
C ALA A 23 2.67 -8.81 -3.40
N ALA A 24 2.68 -10.13 -3.56
N ALA A 24 2.69 -10.13 -3.57
CA ALA A 24 1.95 -11.07 -2.69
CA ALA A 24 1.94 -11.09 -2.72
C ALA A 24 2.90 -11.58 -1.60
C ALA A 24 2.89 -11.67 -1.67
N SER A 25 2.84 -10.91 -0.43
N SER A 25 2.32 -12.56 -0.83
CA SER A 25 3.42 -11.33 0.87
CA SER A 25 2.99 -13.36 0.22
C SER A 25 2.61 -12.51 1.41
C SER A 25 1.93 -14.23 0.91
N GLY A 26 3.07 -13.72 1.17
N GLY A 26 2.12 -15.55 0.90
CA GLY A 26 2.29 -14.92 1.51
CA GLY A 26 1.19 -16.53 1.46
C GLY A 26 1.79 -15.62 0.26
C GLY A 26 0.93 -17.68 0.50
N ARG A 27 0.92 -16.61 0.46
CA ARG A 27 0.50 -17.57 -0.59
C ARG A 27 -0.85 -18.15 -0.18
N THR A 28 -1.69 -18.48 -1.16
CA THR A 28 -2.93 -19.26 -0.97
C THR A 28 -3.04 -20.30 -2.09
N SER A 31 -6.09 -20.34 -5.13
CA SER A 31 -6.58 -19.30 -6.08
C SER A 31 -6.62 -19.85 -7.52
N TYR A 32 -7.52 -19.31 -8.33
CA TYR A 32 -7.80 -19.79 -9.71
C TYR A 32 -7.04 -18.91 -10.70
N GLY A 33 -6.50 -17.81 -10.21
CA GLY A 33 -6.00 -16.76 -11.09
C GLY A 33 -6.06 -15.40 -10.44
N MET A 34 -5.67 -14.44 -11.22
CA MET A 34 -5.23 -13.13 -10.75
C MET A 34 -5.83 -12.14 -11.74
N GLY A 35 -6.36 -11.06 -11.22
CA GLY A 35 -6.92 -9.99 -12.03
C GLY A 35 -6.53 -8.63 -11.53
N TRP A 36 -6.50 -7.69 -12.45
CA TRP A 36 -6.50 -6.25 -12.19
C TRP A 36 -7.90 -5.72 -12.46
N TYR A 37 -8.41 -4.99 -11.48
CA TYR A 37 -9.73 -4.34 -11.53
C TYR A 37 -9.52 -2.85 -11.32
N ARG A 38 -10.49 -2.07 -11.76
CA ARG A 38 -10.48 -0.61 -11.47
C ARG A 38 -11.89 -0.16 -11.12
N GLN A 39 -11.95 0.83 -10.23
CA GLN A 39 -13.22 1.45 -9.79
C GLN A 39 -13.03 2.97 -9.80
N ALA A 40 -13.79 3.63 -10.65
CA ALA A 40 -13.93 5.10 -10.73
C ALA A 40 -15.11 5.50 -9.86
N PRO A 41 -15.18 6.74 -9.34
CA PRO A 41 -16.29 7.17 -8.52
C PRO A 41 -17.64 6.94 -9.25
N GLY A 42 -18.61 6.36 -8.56
CA GLY A 42 -19.98 6.15 -9.05
C GLY A 42 -20.09 4.92 -9.93
N LYS A 43 -18.98 4.25 -10.21
CA LYS A 43 -18.96 3.13 -11.18
C LYS A 43 -18.58 1.85 -10.42
N GLY A 44 -18.81 0.72 -11.07
CA GLY A 44 -18.52 -0.59 -10.48
C GLY A 44 -17.06 -0.95 -10.64
N ARG A 45 -16.69 -2.08 -10.07
CA ARG A 45 -15.29 -2.54 -10.11
C ARG A 45 -15.11 -3.46 -11.30
N GLU A 46 -14.60 -2.88 -12.38
CA GLU A 46 -14.46 -3.50 -13.72
C GLU A 46 -13.21 -4.37 -13.74
N LEU A 47 -13.33 -5.61 -14.21
CA LEU A 47 -12.13 -6.46 -14.47
C LEU A 47 -11.48 -5.93 -15.74
N VAL A 48 -10.22 -5.49 -15.68
CA VAL A 48 -9.58 -4.92 -16.91
C VAL A 48 -8.52 -5.88 -17.46
N ALA A 49 -7.94 -6.75 -16.66
CA ALA A 49 -6.92 -7.70 -17.16
C ALA A 49 -6.89 -8.91 -16.24
N GLY A 50 -6.83 -10.10 -16.83
CA GLY A 50 -6.80 -11.35 -16.06
C GLY A 50 -5.74 -12.29 -16.60
N ILE A 51 -5.19 -13.10 -15.72
CA ILE A 51 -4.15 -14.09 -16.13
C ILE A 51 -4.34 -15.39 -15.36
N SER A 52 -4.17 -16.51 -16.05
CA SER A 52 -4.09 -17.90 -15.49
C SER A 52 -2.74 -18.11 -14.79
N TRP A 53 -2.59 -19.23 -14.08
CA TRP A 53 -1.30 -19.65 -13.45
C TRP A 53 -0.22 -19.87 -14.51
N ARG A 54 -0.52 -20.60 -15.60
CA ARG A 54 0.49 -20.98 -16.63
C ARG A 54 0.92 -19.70 -17.38
N GLY A 55 0.05 -18.69 -17.41
CA GLY A 55 0.42 -17.33 -17.84
C GLY A 55 0.17 -17.09 -19.32
N ASP A 56 -0.35 -18.11 -20.03
CA ASP A 56 -0.65 -18.06 -21.47
C ASP A 56 -2.16 -17.90 -21.68
N SER A 57 -2.95 -17.77 -20.62
CA SER A 57 -4.36 -17.27 -20.72
C SER A 57 -4.40 -15.86 -20.14
N THR A 58 -4.38 -14.85 -20.99
CA THR A 58 -4.54 -13.43 -20.59
C THR A 58 -5.78 -12.87 -21.28
N GLY A 59 -6.59 -12.16 -20.52
CA GLY A 59 -7.76 -11.45 -21.02
C GLY A 59 -7.67 -9.98 -20.68
N TYR A 60 -8.27 -9.14 -21.51
CA TYR A 60 -8.29 -7.67 -21.36
C TYR A 60 -9.69 -7.15 -21.67
N ALA A 61 -10.14 -6.15 -20.90
CA ALA A 61 -11.35 -5.38 -21.22
C ALA A 61 -11.16 -4.75 -22.59
N ASP A 62 -12.24 -4.64 -23.36
CA ASP A 62 -12.24 -4.07 -24.74
C ASP A 62 -11.52 -2.72 -24.74
N SER A 63 -11.79 -1.87 -23.74
CA SER A 63 -11.31 -0.47 -23.74
C SER A 63 -9.80 -0.37 -23.49
N VAL A 64 -9.13 -1.45 -23.05
CA VAL A 64 -7.68 -1.39 -22.71
C VAL A 64 -6.86 -2.29 -23.64
N LYS A 65 -7.50 -3.01 -24.55
CA LYS A 65 -6.79 -3.91 -25.48
C LYS A 65 -5.73 -3.09 -26.25
N GLY A 66 -4.49 -3.60 -26.28
CA GLY A 66 -3.36 -2.99 -27.01
C GLY A 66 -2.65 -1.92 -26.20
N ARG A 67 -3.20 -1.52 -25.05
CA ARG A 67 -2.61 -0.45 -24.20
C ARG A 67 -2.10 -1.03 -22.88
N PHE A 68 -2.80 -2.01 -22.31
CA PHE A 68 -2.45 -2.64 -21.01
C PHE A 68 -1.89 -4.04 -21.26
N THR A 69 -0.93 -4.43 -20.43
CA THR A 69 -0.31 -5.78 -20.46
C THR A 69 -0.18 -6.28 -19.01
N ILE A 70 -0.79 -7.45 -18.75
CA ILE A 70 -0.72 -8.12 -17.42
C ILE A 70 0.39 -9.16 -17.54
N SER A 71 1.20 -9.28 -16.49
CA SER A 71 2.25 -10.30 -16.42
C SER A 71 2.49 -10.68 -14.96
N ARG A 72 3.19 -11.79 -14.74
CA ARG A 72 3.52 -12.29 -13.39
C ARG A 72 5.00 -12.68 -13.38
N ASP A 73 5.70 -12.30 -12.32
CA ASP A 73 7.04 -12.82 -11.96
C ASP A 73 6.85 -13.87 -10.86
N ASN A 74 6.88 -15.15 -11.24
CA ASN A 74 6.80 -16.34 -10.34
C ASN A 74 7.72 -16.15 -9.12
N ALA A 75 8.99 -15.85 -9.39
CA ALA A 75 10.09 -15.84 -8.40
C ALA A 75 9.84 -14.74 -7.36
N LYS A 76 9.29 -13.61 -7.78
CA LYS A 76 9.05 -12.41 -6.92
C LYS A 76 7.62 -12.43 -6.38
N ASN A 77 6.83 -13.45 -6.73
CA ASN A 77 5.39 -13.56 -6.36
C ASN A 77 4.69 -12.22 -6.65
N THR A 78 4.98 -11.60 -7.80
CA THR A 78 4.50 -10.23 -8.11
C THR A 78 3.76 -10.23 -9.45
N LEU A 79 2.59 -9.61 -9.44
CA LEU A 79 1.71 -9.36 -10.61
C LEU A 79 1.96 -7.92 -11.06
N TYR A 80 2.00 -7.70 -12.37
CA TYR A 80 2.26 -6.36 -12.96
C TYR A 80 1.15 -6.00 -13.94
N LEU A 81 0.86 -4.71 -14.02
CA LEU A 81 0.04 -4.15 -15.11
C LEU A 81 0.81 -3.00 -15.73
N GLN A 82 1.25 -3.20 -16.97
CA GLN A 82 1.86 -2.10 -17.75
C GLN A 82 0.73 -1.36 -18.44
N MET A 83 0.59 -0.07 -18.16
CA MET A 83 -0.50 0.79 -18.68
C MET A 83 0.10 1.86 -19.57
N ASN A 84 -0.10 1.77 -20.89
CA ASN A 84 0.42 2.73 -21.89
C ASN A 84 -0.74 3.53 -22.48
N SER A 85 -0.43 4.68 -23.10
CA SER A 85 -1.40 5.50 -23.87
C SER A 85 -2.61 5.79 -22.96
N LEU A 86 -2.34 6.20 -21.73
CA LEU A 86 -3.40 6.40 -20.73
C LEU A 86 -4.30 7.58 -21.14
N ARG A 87 -5.58 7.43 -20.85
CA ARG A 87 -6.66 8.36 -21.22
C ARG A 87 -7.31 8.86 -19.94
N PRO A 88 -7.92 10.06 -19.96
CA PRO A 88 -8.68 10.56 -18.80
C PRO A 88 -9.65 9.49 -18.26
N GLU A 89 -10.29 8.72 -19.15
CA GLU A 89 -11.32 7.72 -18.77
C GLU A 89 -10.67 6.50 -18.09
N ASP A 90 -9.34 6.43 -18.03
CA ASP A 90 -8.61 5.36 -17.29
C ASP A 90 -8.46 5.77 -15.82
N THR A 91 -8.84 6.99 -15.45
CA THR A 91 -8.75 7.48 -14.05
C THR A 91 -9.62 6.60 -13.17
N ALA A 92 -9.03 6.04 -12.13
CA ALA A 92 -9.70 5.07 -11.24
C ALA A 92 -8.73 4.67 -10.13
N VAL A 93 -9.28 4.02 -9.11
CA VAL A 93 -8.46 3.22 -8.17
C VAL A 93 -8.30 1.83 -8.76
N TYR A 94 -7.06 1.33 -8.86
CA TYR A 94 -6.74 0.03 -9.47
C TYR A 94 -6.42 -0.96 -8.36
N TYR A 95 -7.02 -2.15 -8.44
CA TYR A 95 -6.90 -3.21 -7.43
C TYR A 95 -6.42 -4.48 -8.12
N CYS A 96 -5.54 -5.21 -7.43
CA CYS A 96 -5.23 -6.60 -7.82
C CYS A 96 -6.04 -7.51 -6.90
N ALA A 97 -6.45 -8.64 -7.45
CA ALA A 97 -7.19 -9.66 -6.68
C ALA A 97 -6.69 -11.04 -7.09
N PHE A 98 -6.51 -11.91 -6.10
CA PHE A 98 -6.36 -13.37 -6.31
C PHE A 98 -7.73 -13.98 -6.08
N ALA A 99 -8.24 -14.68 -7.10
CA ALA A 99 -9.63 -15.15 -7.14
C ALA A 99 -9.68 -16.58 -6.62
N ALA A 100 -10.40 -16.80 -5.52
CA ALA A 100 -10.67 -18.15 -5.01
C ALA A 100 -12.19 -18.33 -5.03
N GLY A 101 -12.65 -19.47 -4.59
CA GLY A 101 -14.08 -19.80 -4.59
C GLY A 101 -14.52 -20.12 -3.18
N SER A 102 -15.80 -19.89 -2.88
CA SER A 102 -16.39 -20.27 -1.58
C SER A 102 -17.87 -20.55 -1.76
N ALA A 103 -18.44 -21.36 -0.87
CA ALA A 103 -19.83 -21.84 -0.95
C ALA A 103 -20.77 -20.80 -0.37
N TRP A 104 -21.94 -20.64 -0.98
CA TRP A 104 -23.01 -19.76 -0.43
C TRP A 104 -24.37 -20.33 -0.81
N TYR A 105 -25.03 -20.99 0.13
CA TYR A 105 -26.44 -21.42 -0.03
C TYR A 105 -26.60 -22.23 -1.33
N GLY A 106 -25.64 -23.10 -1.63
CA GLY A 106 -25.71 -24.05 -2.76
C GLY A 106 -24.95 -23.58 -3.98
N THR A 107 -24.51 -22.32 -4.02
CA THR A 107 -23.79 -21.73 -5.16
CA THR A 107 -23.79 -21.75 -5.18
C THR A 107 -22.34 -21.47 -4.76
N LEU A 108 -21.53 -21.09 -5.74
CA LEU A 108 -20.12 -20.64 -5.56
C LEU A 108 -20.11 -19.13 -5.77
N TYR A 109 -19.41 -18.39 -4.92
CA TYR A 109 -19.08 -16.99 -5.18
C TYR A 109 -17.57 -16.87 -5.23
N GLU A 110 -17.11 -15.82 -5.88
CA GLU A 110 -15.67 -15.48 -5.97
C GLU A 110 -15.26 -14.87 -4.63
N TYR A 111 -14.40 -15.60 -3.95
CA TYR A 111 -13.75 -15.27 -2.67
C TYR A 111 -12.39 -14.67 -3.05
N ASP A 112 -12.29 -13.34 -3.06
CA ASP A 112 -11.09 -12.62 -3.55
C ASP A 112 -10.18 -12.21 -2.38
N TYR A 113 -8.88 -12.35 -2.59
CA TYR A 113 -7.83 -11.66 -1.80
C TYR A 113 -7.53 -10.35 -2.53
N TRP A 114 -7.91 -9.22 -1.94
CA TRP A 114 -7.84 -7.88 -2.57
C TRP A 114 -6.62 -7.12 -2.04
N GLY A 115 -5.91 -6.49 -2.97
CA GLY A 115 -4.96 -5.40 -2.65
C GLY A 115 -5.70 -4.17 -2.14
N GLN A 116 -4.96 -3.21 -1.62
CA GLN A 116 -5.53 -2.01 -0.94
C GLN A 116 -5.97 -0.97 -1.97
N GLY A 117 -5.51 -1.10 -3.22
CA GLY A 117 -5.84 -0.13 -4.28
C GLY A 117 -4.74 0.91 -4.43
N THR A 118 -4.55 1.39 -5.66
CA THR A 118 -3.57 2.43 -6.01
C THR A 118 -4.28 3.39 -6.97
N LEU A 119 -4.27 4.68 -6.66
CA LEU A 119 -5.00 5.69 -7.45
C LEU A 119 -4.19 6.03 -8.69
N VAL A 120 -4.86 6.02 -9.83
CA VAL A 120 -4.33 6.48 -11.14
C VAL A 120 -5.21 7.66 -11.60
N THR A 121 -4.59 8.82 -11.75
CA THR A 121 -5.26 10.04 -12.27
CA THR A 121 -5.25 10.04 -12.26
C THR A 121 -4.57 10.44 -13.58
N VAL A 122 -5.35 10.52 -14.65
CA VAL A 122 -4.87 10.92 -15.98
C VAL A 122 -5.51 12.27 -16.27
N SER A 123 -4.74 13.34 -16.19
CA SER A 123 -5.30 14.72 -16.33
C SER A 123 -4.27 15.65 -16.96
N SER A 124 -4.78 16.63 -17.71
CA SER A 124 -4.01 17.74 -18.33
C SER A 124 -3.28 18.55 -17.26
N ALA A 125 -3.78 18.50 -16.02
CA ALA A 125 -3.20 19.18 -14.83
C ALA A 125 -1.84 18.57 -14.46
N ALA A 126 -1.57 17.30 -14.80
CA ALA A 126 -0.39 16.53 -14.32
C ALA A 126 0.90 17.34 -14.56
N GLU B 1 6.36 13.65 -6.85
CA GLU B 1 7.59 14.03 -6.11
C GLU B 1 7.97 12.94 -5.11
N VAL B 2 7.04 12.51 -4.25
CA VAL B 2 7.29 11.48 -3.19
C VAL B 2 6.07 10.57 -3.05
N GLN B 3 6.25 9.26 -3.20
CA GLN B 3 5.21 8.21 -2.98
C GLN B 3 5.70 7.26 -1.89
N LEU B 4 4.90 7.05 -0.84
CA LEU B 4 5.23 6.15 0.29
C LEU B 4 4.31 4.93 0.23
N VAL B 5 4.89 3.73 0.15
CA VAL B 5 4.16 2.44 0.11
C VAL B 5 4.50 1.65 1.37
N GLU B 6 3.50 1.36 2.19
CA GLU B 6 3.71 0.58 3.45
C GLU B 6 3.38 -0.90 3.22
N SER B 7 4.07 -1.75 3.95
CA SER B 7 3.78 -3.20 4.03
C SER B 7 4.17 -3.70 5.42
N GLY B 8 3.82 -4.95 5.72
CA GLY B 8 4.25 -5.64 6.95
C GLY B 8 3.15 -5.73 7.98
N GLY B 9 1.97 -5.16 7.71
CA GLY B 9 0.80 -5.28 8.61
C GLY B 9 0.34 -6.72 8.71
N GLY B 10 -0.51 -7.02 9.70
CA GLY B 10 -1.13 -8.35 9.80
C GLY B 10 -1.74 -8.61 11.16
N LEU B 11 -2.13 -9.86 11.37
CA LEU B 11 -2.70 -10.38 12.63
C LEU B 11 -1.57 -11.11 13.36
N VAL B 12 -1.37 -10.82 14.65
CA VAL B 12 -0.29 -11.41 15.49
C VAL B 12 -0.87 -11.67 16.88
N GLN B 13 -0.41 -12.72 17.56
CA GLN B 13 -0.85 -13.00 18.95
C GLN B 13 -0.17 -12.01 19.89
N PRO B 14 -0.80 -11.71 21.05
CA PRO B 14 -0.14 -10.93 22.10
C PRO B 14 1.24 -11.51 22.41
N GLY B 15 2.24 -10.63 22.54
CA GLY B 15 3.64 -10.99 22.80
C GLY B 15 4.43 -11.13 21.52
N GLY B 16 3.74 -11.20 20.38
CA GLY B 16 4.35 -11.39 19.06
C GLY B 16 5.01 -10.12 18.56
N SER B 17 5.61 -10.23 17.36
CA SER B 17 6.40 -9.14 16.73
CA SER B 17 6.40 -9.14 16.73
C SER B 17 5.95 -8.96 15.28
N LEU B 18 6.07 -7.74 14.76
CA LEU B 18 5.79 -7.37 13.36
C LEU B 18 6.83 -6.32 12.96
N ARG B 19 7.20 -6.29 11.69
CA ARG B 19 8.10 -5.25 11.11
CA ARG B 19 8.09 -5.25 11.14
C ARG B 19 7.35 -4.54 9.99
N LEU B 20 7.08 -3.25 10.19
CA LEU B 20 6.47 -2.41 9.13
C LEU B 20 7.59 -1.82 8.28
N SER B 21 7.29 -1.68 6.99
CA SER B 21 8.17 -1.07 5.97
CA SER B 21 8.17 -1.08 5.97
C SER B 21 7.43 0.09 5.32
N CYS B 22 8.15 1.15 5.02
CA CYS B 22 7.65 2.35 4.31
C CYS B 22 8.68 2.68 3.25
N ALA B 23 8.45 2.21 2.02
CA ALA B 23 9.36 2.42 0.87
C ALA B 23 8.96 3.71 0.17
N ALA B 24 9.89 4.65 0.08
CA ALA B 24 9.72 5.94 -0.62
C ALA B 24 10.26 5.82 -2.05
N SER B 25 9.48 6.29 -3.03
CA SER B 25 9.96 6.57 -4.40
C SER B 25 9.81 8.07 -4.64
N GLY B 26 10.89 8.75 -5.02
CA GLY B 26 10.91 10.20 -5.30
C GLY B 26 11.70 11.00 -4.26
N ARG B 27 11.92 12.29 -4.53
CA ARG B 27 12.79 13.26 -3.79
C ARG B 27 12.53 13.23 -2.28
N THR B 28 13.41 12.55 -1.52
CA THR B 28 13.43 12.58 -0.03
C THR B 28 14.40 13.67 0.41
N SER B 29 13.88 14.77 0.96
CA SER B 29 14.65 15.89 1.56
C SER B 29 15.18 15.46 2.94
N ARG B 30 16.31 16.05 3.34
CA ARG B 30 17.02 15.76 4.62
C ARG B 30 16.33 16.53 5.75
N SER B 31 15.51 17.53 5.40
CA SER B 31 14.89 18.49 6.35
C SER B 31 13.46 18.06 6.73
N TYR B 32 12.96 16.94 6.16
CA TYR B 32 11.60 16.42 6.49
C TYR B 32 11.59 15.76 7.88
N GLY B 33 10.48 15.86 8.59
CA GLY B 33 10.27 15.00 9.77
C GLY B 33 9.79 13.61 9.34
N MET B 34 10.47 12.51 9.69
CA MET B 34 10.02 11.13 9.35
C MET B 34 9.40 10.43 10.57
N GLY B 35 8.17 9.96 10.44
CA GLY B 35 7.43 9.41 11.59
C GLY B 35 6.52 8.25 11.24
N TRP B 36 6.27 7.42 12.24
CA TRP B 36 5.21 6.38 12.25
C TRP B 36 4.10 6.87 13.15
N TYR B 37 2.88 6.80 12.63
CA TYR B 37 1.64 7.19 13.33
C TYR B 37 0.71 5.97 13.37
N ARG B 38 -0.22 5.96 14.31
CA ARG B 38 -1.28 4.94 14.31
C ARG B 38 -2.62 5.57 14.67
N GLN B 39 -3.69 4.98 14.15
CA GLN B 39 -5.08 5.45 14.33
C GLN B 39 -5.97 4.24 14.57
N ALA B 40 -6.58 4.18 15.74
CA ALA B 40 -7.67 3.23 16.07
C ALA B 40 -8.98 3.94 15.81
N PRO B 41 -10.08 3.21 15.51
CA PRO B 41 -11.37 3.83 15.24
C PRO B 41 -11.78 4.76 16.39
N GLY B 42 -12.24 5.96 16.06
CA GLY B 42 -12.77 6.94 17.03
C GLY B 42 -11.67 7.72 17.73
N LYS B 43 -10.41 7.40 17.44
CA LYS B 43 -9.27 8.07 18.10
C LYS B 43 -8.51 8.88 17.05
N GLY B 44 -7.62 9.72 17.52
CA GLY B 44 -6.80 10.57 16.64
C GLY B 44 -5.61 9.80 16.12
N ARG B 45 -4.84 10.45 15.25
CA ARG B 45 -3.67 9.82 14.64
C ARG B 45 -2.45 10.17 15.50
N GLU B 46 -2.08 9.22 16.35
CA GLU B 46 -1.01 9.36 17.38
C GLU B 46 0.36 9.16 16.71
N LEU B 47 1.29 10.07 16.94
CA LEU B 47 2.71 9.87 16.57
C LEU B 47 3.30 8.84 17.54
N VAL B 48 3.80 7.71 17.03
CA VAL B 48 4.33 6.66 17.96
C VAL B 48 5.85 6.58 17.86
N ALA B 49 6.46 6.97 16.75
CA ALA B 49 7.93 6.92 16.60
C ALA B 49 8.38 7.95 15.57
N GLY B 50 9.47 8.64 15.88
CA GLY B 50 10.03 9.65 14.98
C GLY B 50 11.52 9.54 14.88
N ILE B 51 12.09 9.90 13.73
CA ILE B 51 13.56 9.83 13.54
C ILE B 51 14.01 11.04 12.73
N SER B 52 15.16 11.59 13.14
CA SER B 52 15.90 12.67 12.44
C SER B 52 16.62 12.09 11.23
N TRP B 53 17.16 12.95 10.39
CA TRP B 53 18.01 12.56 9.25
C TRP B 53 19.27 11.81 9.70
N ARG B 54 19.99 12.35 10.68
CA ARG B 54 21.28 11.79 11.17
C ARG B 54 21.00 10.44 11.87
N GLY B 55 19.80 10.26 12.42
CA GLY B 55 19.27 8.95 12.86
C GLY B 55 19.60 8.62 14.30
N ASP B 56 20.23 9.55 15.01
CA ASP B 56 20.56 9.41 16.46
C ASP B 56 19.57 10.24 17.29
N SER B 57 18.59 10.89 16.65
CA SER B 57 17.41 11.47 17.35
C SER B 57 16.21 10.60 17.02
N THR B 58 15.84 9.73 17.96
CA THR B 58 14.63 8.88 17.85
C THR B 58 13.76 9.20 19.03
N GLY B 59 12.47 9.35 18.76
CA GLY B 59 11.44 9.59 19.78
C GLY B 59 10.39 8.50 19.71
N TYR B 60 9.83 8.13 20.84
CA TYR B 60 8.79 7.09 20.97
C TYR B 60 7.68 7.58 21.89
N ALA B 61 6.43 7.29 21.56
CA ALA B 61 5.30 7.48 22.49
C ALA B 61 5.55 6.66 23.75
N ASP B 62 5.12 7.16 24.91
CA ASP B 62 5.35 6.51 26.24
C ASP B 62 4.93 5.03 26.17
N SER B 63 3.79 4.73 25.56
CA SER B 63 3.18 3.38 25.59
C SER B 63 4.00 2.37 24.78
N VAL B 64 4.93 2.82 23.91
CA VAL B 64 5.69 1.88 23.03
C VAL B 64 7.17 1.88 23.37
N LYS B 65 7.61 2.73 24.30
CA LYS B 65 9.04 2.82 24.71
C LYS B 65 9.52 1.42 25.10
N GLY B 66 10.66 1.00 24.54
CA GLY B 66 11.32 -0.28 24.88
C GLY B 66 10.79 -1.44 24.07
N ARG B 67 9.70 -1.26 23.32
CA ARG B 67 9.06 -2.33 22.51
C ARG B 67 9.20 -2.02 21.01
N PHE B 68 9.15 -0.75 20.61
CA PHE B 68 9.22 -0.34 19.19
C PHE B 68 10.58 0.30 18.89
N THR B 69 11.07 0.08 17.66
CA THR B 69 12.33 0.66 17.16
C THR B 69 12.10 1.18 15.74
N ILE B 70 12.35 2.47 15.55
CA ILE B 70 12.28 3.13 14.23
C ILE B 70 13.71 3.15 13.69
N SER B 71 13.85 2.87 12.40
CA SER B 71 15.15 2.95 11.69
C SER B 71 14.91 3.30 10.22
N ARG B 72 15.97 3.73 9.55
CA ARG B 72 15.92 4.16 8.14
C ARG B 72 17.11 3.56 7.41
N ASP B 73 16.87 3.01 6.24
CA ASP B 73 17.91 2.54 5.29
C ASP B 73 17.99 3.58 4.17
N ASN B 74 19.00 4.46 4.23
CA ASN B 74 19.26 5.54 3.25
C ASN B 74 19.29 4.96 1.83
N ALA B 75 20.03 3.87 1.63
CA ALA B 75 20.31 3.25 0.31
C ALA B 75 19.02 2.77 -0.34
N LYS B 76 18.09 2.22 0.45
CA LYS B 76 16.82 1.62 -0.02
C LYS B 76 15.67 2.64 0.10
N ASN B 77 15.97 3.86 0.56
CA ASN B 77 14.98 4.94 0.81
C ASN B 77 13.79 4.34 1.59
N THR B 78 14.05 3.53 2.61
CA THR B 78 12.99 2.79 3.35
C THR B 78 13.10 3.07 4.86
N LEU B 79 11.94 3.36 5.45
CA LEU B 79 11.73 3.55 6.89
C LEU B 79 11.13 2.26 7.45
N TYR B 80 11.56 1.86 8.64
CA TYR B 80 11.09 0.61 9.29
C TYR B 80 10.56 0.92 10.68
N LEU B 81 9.57 0.15 11.09
CA LEU B 81 9.16 0.10 12.51
C LEU B 81 9.17 -1.36 12.96
N GLN B 82 10.10 -1.68 13.84
CA GLN B 82 10.14 -3.02 14.48
C GLN B 82 9.27 -2.93 15.72
N MET B 83 8.23 -3.75 15.79
CA MET B 83 7.25 -3.78 16.90
C MET B 83 7.38 -5.12 17.62
N ASN B 84 7.89 -5.12 18.85
CA ASN B 84 8.05 -6.33 19.70
C ASN B 84 7.05 -6.29 20.86
N SER B 85 6.80 -7.44 21.49
CA SER B 85 5.99 -7.56 22.73
C SER B 85 4.64 -6.87 22.50
N LEU B 86 4.01 -7.17 21.38
CA LEU B 86 2.78 -6.47 20.97
C LEU B 86 1.64 -6.81 21.92
N ARG B 87 0.79 -5.81 22.15
CA ARG B 87 -0.37 -5.88 23.08
C ARG B 87 -1.63 -5.63 22.28
N PRO B 88 -2.80 -6.14 22.71
CA PRO B 88 -4.08 -5.78 22.12
C PRO B 88 -4.23 -4.26 21.93
N GLU B 89 -3.73 -3.45 22.87
CA GLU B 89 -3.78 -1.96 22.85
C GLU B 89 -3.02 -1.39 21.63
N ASP B 90 -2.18 -2.19 20.97
CA ASP B 90 -1.36 -1.74 19.81
C ASP B 90 -2.15 -1.92 18.52
N THR B 91 -3.33 -2.53 18.60
CA THR B 91 -4.21 -2.71 17.43
C THR B 91 -4.58 -1.34 16.85
N ALA B 92 -4.33 -1.12 15.58
CA ALA B 92 -4.53 0.18 14.90
C ALA B 92 -4.16 0.07 13.42
N VAL B 93 -4.53 1.07 12.63
CA VAL B 93 -3.93 1.29 11.29
C VAL B 93 -2.66 2.14 11.48
N TYR B 94 -1.53 1.68 10.95
CA TYR B 94 -0.21 2.33 11.09
C TYR B 94 0.14 3.05 9.78
N TYR B 95 0.56 4.30 9.90
CA TYR B 95 0.92 5.18 8.76
C TYR B 95 2.36 5.67 8.91
N CYS B 96 3.09 5.77 7.81
CA CYS B 96 4.37 6.51 7.79
C CYS B 96 4.10 7.87 7.14
N ALA B 97 4.84 8.88 7.56
CA ALA B 97 4.71 10.24 7.01
C ALA B 97 6.09 10.87 6.93
N PHE B 98 6.33 11.59 5.82
CA PHE B 98 7.44 12.55 5.69
C PHE B 98 6.84 13.93 5.91
N ALA B 99 7.35 14.64 6.91
CA ALA B 99 6.83 15.94 7.34
C ALA B 99 7.60 17.05 6.61
N ALA B 100 6.89 17.84 5.82
CA ALA B 100 7.39 19.11 5.29
C ALA B 100 6.57 20.20 5.94
N GLY B 101 6.93 21.45 5.64
CA GLY B 101 6.23 22.64 6.14
C GLY B 101 5.50 23.30 5.00
N SER B 102 4.43 24.01 5.33
CA SER B 102 3.73 24.87 4.35
C SER B 102 3.06 26.03 5.08
N ALA B 103 2.80 27.11 4.35
CA ALA B 103 2.37 28.41 4.92
C ALA B 103 0.85 28.40 5.10
N TRP B 104 0.36 29.00 6.17
CA TRP B 104 -1.10 29.21 6.35
C TRP B 104 -1.35 30.47 7.16
N TYR B 105 -1.71 31.56 6.49
CA TYR B 105 -2.22 32.78 7.15
C TYR B 105 -1.24 33.25 8.23
N GLY B 106 0.06 33.20 7.94
CA GLY B 106 1.11 33.74 8.82
C GLY B 106 1.80 32.65 9.65
N THR B 107 1.26 31.44 9.67
CA THR B 107 1.82 30.33 10.49
CA THR B 107 1.74 30.29 10.48
C THR B 107 2.27 29.20 9.55
N LEU B 108 2.82 28.15 10.13
CA LEU B 108 3.31 26.92 9.46
C LEU B 108 2.33 25.82 9.84
N TYR B 109 2.01 24.94 8.91
CA TYR B 109 1.39 23.64 9.25
C TYR B 109 2.29 22.56 8.68
N GLU B 110 2.15 21.37 9.24
CA GLU B 110 2.87 20.17 8.76
CA GLU B 110 2.90 20.18 8.76
C GLU B 110 2.20 19.70 7.48
N TYR B 111 2.93 19.82 6.38
CA TYR B 111 2.57 19.35 5.04
C TYR B 111 3.16 17.95 4.91
N ASP B 112 2.32 16.92 5.11
CA ASP B 112 2.78 15.52 5.22
C ASP B 112 2.59 14.77 3.90
N TYR B 113 3.60 13.97 3.54
CA TYR B 113 3.50 12.88 2.55
C TYR B 113 3.13 11.63 3.33
N TRP B 114 1.94 11.09 3.12
CA TRP B 114 1.39 9.95 3.89
C TRP B 114 1.49 8.66 3.09
N GLY B 115 1.91 7.59 3.76
CA GLY B 115 1.67 6.21 3.29
C GLY B 115 0.19 5.87 3.37
N GLN B 116 -0.22 4.76 2.77
CA GLN B 116 -1.65 4.41 2.59
C GLN B 116 -2.22 3.79 3.88
N GLY B 117 -1.35 3.35 4.79
CA GLY B 117 -1.77 2.72 6.05
C GLY B 117 -1.76 1.22 5.95
N THR B 118 -1.45 0.55 7.06
CA THR B 118 -1.43 -0.94 7.15
CA THR B 118 -1.45 -0.93 7.16
C THR B 118 -2.08 -1.31 8.49
N LEU B 119 -3.08 -2.18 8.46
CA LEU B 119 -3.80 -2.64 9.68
C LEU B 119 -2.91 -3.63 10.43
N VAL B 120 -2.81 -3.42 11.73
CA VAL B 120 -2.17 -4.34 12.70
C VAL B 120 -3.23 -4.71 13.73
N THR B 121 -3.55 -6.01 13.84
CA THR B 121 -4.45 -6.57 14.86
CA THR B 121 -4.45 -6.53 14.89
C THR B 121 -3.68 -7.52 15.76
N VAL B 122 -3.71 -7.27 17.07
CA VAL B 122 -3.02 -8.09 18.10
C VAL B 122 -4.13 -8.76 18.89
N SER B 123 -4.32 -10.07 18.65
CA SER B 123 -5.58 -10.75 18.98
C SER B 123 -5.31 -12.24 19.20
N SER B 124 -6.10 -12.84 20.09
CA SER B 124 -6.15 -14.30 20.39
C SER B 124 -6.57 -15.06 19.12
N ALA B 125 -7.24 -14.39 18.19
CA ALA B 125 -7.72 -14.91 16.89
C ALA B 125 -6.56 -15.46 16.06
#